data_6DYZ
#
_entry.id   6DYZ
#
_cell.length_a   122.821
_cell.length_b   122.821
_cell.length_c   44.624
_cell.angle_alpha   90.00
_cell.angle_beta   90.00
_cell.angle_gamma   120.00
#
_symmetry.space_group_name_H-M   'P 3 2 1'
#
loop_
_entity.id
_entity.type
_entity.pdbx_description
1 polymer "S-methyl-5'-thioadenosine phosphorylase"
2 non-polymer 'CHLORIDE ION'
3 non-polymer 'PHOSPHATE ION'
4 non-polymer 1,2-ETHANEDIOL
5 non-polymer (3R,4S)-1-[(4-amino-5H-pyrrolo[3,2-d]pyrimidin-7-yl)methyl]-4-{[(prop-2-yn-1-yl)sulfanyl]methyl}pyrrolidin-3-ol
6 water water
#
_entity_poly.entity_id   1
_entity_poly.type   'polypeptide(L)'
_entity_poly.pdbx_seq_one_letter_code
;MHHHHHHENLYFQSMASGTTTTAVKIGIIGGTGLDDPEILEGRTEKYVDTPFGKPSDALILGKIKNVDCVLLARHGRQHT
IMPSKVNYQANIWALKEEGCTHVIVTTACGSLREEIQPGDIVIIDQFIDRTTMRPQSFYDGSHSCARGVCHIPMAEPFCP
KTREVLIETAKKLGLRCHSKGTMVTIEGPRFSSRAESFMFRTWGADVINMTTVPEVVLAKEAGICYASIAMATDYDCWKE
HEEAVSVDRVLKTLKENANKAKSLLLTTIPQIGSTEWSETLHNLKNMAQFSVLLPRH
;
_entity_poly.pdbx_strand_id   A
#
loop_
_chem_comp.id
_chem_comp.type
_chem_comp.name
_chem_comp.formula
CL non-polymer 'CHLORIDE ION' 'Cl -1'
EDO non-polymer 1,2-ETHANEDIOL 'C2 H6 O2'
OS2 non-polymer (3R,4S)-1-[(4-amino-5H-pyrrolo[3,2-d]pyrimidin-7-yl)methyl]-4-{[(prop-2-yn-1-yl)sulfanyl]methyl}pyrrolidin-3-ol 'C15 H19 N5 O S'
PO4 non-polymer 'PHOSPHATE ION' 'O4 P -3'
#
# COMPACT_ATOMS: atom_id res chain seq x y z
N ALA A 23 10.86 -17.57 -9.03
CA ALA A 23 10.83 -16.25 -9.72
C ALA A 23 9.87 -15.31 -9.01
N VAL A 24 10.33 -14.12 -8.64
CA VAL A 24 9.42 -13.13 -8.07
C VAL A 24 9.26 -11.99 -9.07
N LYS A 25 8.20 -11.21 -8.88
CA LYS A 25 7.99 -10.01 -9.64
C LYS A 25 7.29 -9.07 -8.70
N ILE A 26 7.85 -7.88 -8.54
CA ILE A 26 7.40 -6.98 -7.49
C ILE A 26 6.62 -5.82 -8.08
N GLY A 27 5.32 -5.79 -7.78
CA GLY A 27 4.54 -4.60 -8.03
C GLY A 27 4.86 -3.53 -7.02
N ILE A 28 5.01 -2.31 -7.49
CA ILE A 28 5.23 -1.15 -6.61
C ILE A 28 4.13 -0.15 -6.87
N ILE A 29 3.32 0.15 -5.85
CA ILE A 29 2.39 1.25 -5.98
C ILE A 29 2.95 2.43 -5.20
N GLY A 30 3.16 3.51 -5.93
CA GLY A 30 3.68 4.74 -5.35
C GLY A 30 2.57 5.69 -4.94
N GLY A 31 2.65 6.13 -3.70
CA GLY A 31 1.71 7.09 -3.16
C GLY A 31 2.18 8.51 -3.32
N THR A 32 1.59 9.39 -2.50
CA THR A 32 1.79 10.81 -2.56
C THR A 32 3.26 11.10 -2.40
N GLY A 33 3.82 11.85 -3.34
CA GLY A 33 5.22 12.28 -3.27
C GLY A 33 6.24 11.18 -3.44
N LEU A 34 5.78 9.96 -3.74
CA LEU A 34 6.56 8.72 -3.46
C LEU A 34 6.31 7.70 -4.55
N ASP A 35 6.24 8.18 -5.79
CA ASP A 35 5.84 7.42 -6.97
C ASP A 35 6.79 7.71 -8.17
N ASP A 36 8.07 7.42 -7.97
CA ASP A 36 9.18 7.90 -8.81
C ASP A 36 9.64 6.81 -9.79
N PRO A 37 9.34 6.96 -11.11
CA PRO A 37 9.82 5.97 -12.13
C PRO A 37 11.33 5.70 -12.18
N GLU A 38 12.17 6.68 -11.82
CA GLU A 38 13.63 6.54 -11.86
C GLU A 38 14.23 5.51 -10.88
N ILE A 39 13.39 4.96 -10.00
CA ILE A 39 13.77 3.81 -9.18
C ILE A 39 14.05 2.54 -9.98
N LEU A 40 13.46 2.39 -11.16
CA LEU A 40 13.62 1.23 -12.00
C LEU A 40 14.64 1.48 -13.11
N GLU A 41 15.49 0.51 -13.35
CA GLU A 41 16.34 0.47 -14.54
C GLU A 41 15.61 -0.22 -15.68
N GLY A 42 16.02 0.11 -16.90
CA GLY A 42 15.47 -0.52 -18.08
C GLY A 42 13.96 -0.41 -18.15
N ARG A 43 13.47 0.83 -18.02
CA ARG A 43 12.02 1.13 -17.97
C ARG A 43 11.31 1.05 -19.32
N THR A 44 10.11 0.47 -19.31
CA THR A 44 9.19 0.55 -20.44
C THR A 44 7.76 0.78 -19.95
N GLU A 45 7.10 1.76 -20.55
CA GLU A 45 5.74 2.16 -20.20
C GLU A 45 4.76 1.21 -20.89
N LYS A 46 3.76 0.73 -20.17
CA LYS A 46 2.72 -0.14 -20.74
C LYS A 46 1.36 0.23 -20.17
N TYR A 47 0.48 0.78 -21.02
CA TYR A 47 -0.89 1.02 -20.63
C TYR A 47 -1.70 -0.26 -20.77
N VAL A 48 -2.53 -0.58 -19.79
CA VAL A 48 -3.35 -1.81 -19.84
C VAL A 48 -4.79 -1.50 -19.52
N ASP A 49 -5.68 -2.45 -19.81
N ASP A 49 -5.65 -2.49 -19.80
CA ASP A 49 -7.07 -2.38 -19.39
CA ASP A 49 -7.07 -2.45 -19.51
C ASP A 49 -7.32 -3.63 -18.58
C ASP A 49 -7.32 -3.65 -18.60
N THR A 50 -8.36 -3.57 -17.77
CA THR A 50 -8.75 -4.71 -16.93
C THR A 50 -10.26 -4.83 -16.99
N PRO A 51 -10.80 -5.98 -16.53
CA PRO A 51 -12.26 -6.10 -16.40
C PRO A 51 -12.92 -5.07 -15.50
N PHE A 52 -12.15 -4.42 -14.62
CA PHE A 52 -12.65 -3.41 -13.70
C PHE A 52 -12.33 -1.98 -14.14
N GLY A 53 -11.82 -1.81 -15.35
CA GLY A 53 -11.50 -0.49 -15.88
C GLY A 53 -9.99 -0.29 -15.98
N LYS A 54 -9.62 0.94 -16.31
CA LYS A 54 -8.23 1.31 -16.45
C LYS A 54 -7.59 1.56 -15.11
N PRO A 55 -6.35 1.04 -14.92
CA PRO A 55 -5.56 1.43 -13.76
C PRO A 55 -5.31 2.94 -13.75
N SER A 56 -4.79 3.44 -12.63
CA SER A 56 -4.53 4.87 -12.45
C SER A 56 -3.68 5.50 -13.55
N ASP A 57 -2.74 4.74 -14.08
CA ASP A 57 -1.81 5.26 -15.11
C ASP A 57 -1.15 4.03 -15.73
N ALA A 58 -0.24 4.27 -16.69
CA ALA A 58 0.59 3.23 -17.27
C ALA A 58 1.37 2.46 -16.23
N LEU A 59 1.45 1.15 -16.44
CA LEU A 59 2.43 0.33 -15.74
C LEU A 59 3.82 0.72 -16.25
N ILE A 60 4.79 0.86 -15.36
CA ILE A 60 6.17 1.01 -15.74
C ILE A 60 6.89 -0.28 -15.44
N LEU A 61 7.38 -0.95 -16.46
CA LEU A 61 8.09 -2.21 -16.30
C LEU A 61 9.56 -1.92 -16.21
N GLY A 62 10.29 -2.66 -15.39
CA GLY A 62 11.72 -2.39 -15.21
C GLY A 62 12.30 -3.31 -14.18
N LYS A 63 13.53 -3.03 -13.76
CA LYS A 63 14.28 -3.91 -12.88
C LYS A 63 14.95 -3.12 -11.75
N ILE A 64 15.09 -3.77 -10.60
CA ILE A 64 15.98 -3.34 -9.51
C ILE A 64 16.93 -4.50 -9.35
N LYS A 65 18.20 -4.24 -9.67
CA LYS A 65 19.20 -5.27 -9.78
C LYS A 65 18.69 -6.39 -10.72
N ASN A 66 18.63 -7.64 -10.31
CA ASN A 66 18.13 -8.67 -11.25
C ASN A 66 16.59 -8.88 -11.19
N VAL A 67 15.87 -8.09 -10.39
CA VAL A 67 14.48 -8.39 -10.05
C VAL A 67 13.50 -7.62 -10.91
N ASP A 68 12.57 -8.35 -11.54
CA ASP A 68 11.52 -7.71 -12.31
C ASP A 68 10.54 -6.97 -11.39
N CYS A 69 10.19 -5.77 -11.79
CA CYS A 69 9.25 -4.92 -11.05
C CYS A 69 8.25 -4.28 -12.00
N VAL A 70 7.14 -3.82 -11.41
CA VAL A 70 6.09 -3.12 -12.11
C VAL A 70 5.62 -1.96 -11.26
N LEU A 71 5.92 -0.74 -11.69
CA LEU A 71 5.57 0.43 -10.91
C LEU A 71 4.27 1.04 -11.43
N LEU A 72 3.44 1.54 -10.50
CA LEU A 72 2.18 2.18 -10.82
C LEU A 72 1.94 3.31 -9.83
N ALA A 73 1.65 4.49 -10.36
CA ALA A 73 1.37 5.68 -9.53
C ALA A 73 -0.09 5.60 -9.06
N ARG A 74 -0.30 5.41 -7.75
CA ARG A 74 -1.66 5.32 -7.19
C ARG A 74 -2.61 6.41 -7.66
N HIS A 75 -2.13 7.65 -7.69
CA HIS A 75 -2.98 8.80 -7.99
C HIS A 75 -2.81 9.34 -9.43
N GLY A 76 -2.11 8.56 -10.27
CA GLY A 76 -1.67 8.95 -11.61
C GLY A 76 -0.37 9.72 -11.45
N ARG A 77 0.44 9.78 -12.50
CA ARG A 77 1.78 10.38 -12.36
C ARG A 77 1.75 11.88 -12.09
N GLN A 78 0.65 12.54 -12.46
CA GLN A 78 0.43 13.94 -12.08
C GLN A 78 -0.44 14.18 -10.84
N HIS A 79 -0.74 13.11 -10.11
CA HIS A 79 -1.52 13.18 -8.87
C HIS A 79 -2.86 13.88 -9.10
N THR A 80 -3.63 13.31 -10.00
CA THR A 80 -4.91 13.85 -10.43
C THR A 80 -6.15 13.08 -9.93
N ILE A 81 -5.96 11.98 -9.19
CA ILE A 81 -7.05 11.08 -8.81
C ILE A 81 -7.09 11.08 -7.30
N MET A 82 -8.19 11.57 -6.73
CA MET A 82 -8.36 11.61 -5.27
C MET A 82 -8.57 10.16 -4.74
N PRO A 83 -8.30 9.94 -3.44
CA PRO A 83 -8.33 8.58 -2.90
C PRO A 83 -9.64 7.78 -3.12
N SER A 84 -10.78 8.46 -3.02
CA SER A 84 -12.12 7.90 -3.23
C SER A 84 -12.32 7.41 -4.66
N LYS A 85 -11.61 8.00 -5.61
CA LYS A 85 -11.79 7.72 -7.04
C LYS A 85 -10.71 6.82 -7.60
N VAL A 86 -9.74 6.42 -6.79
CA VAL A 86 -8.70 5.50 -7.25
C VAL A 86 -9.36 4.16 -7.57
N ASN A 87 -9.02 3.59 -8.74
CA ASN A 87 -9.58 2.29 -9.13
C ASN A 87 -8.71 1.19 -8.58
N TYR A 88 -8.95 0.88 -7.30
CA TYR A 88 -8.15 -0.10 -6.56
C TYR A 88 -8.27 -1.47 -7.20
N GLN A 89 -9.46 -1.79 -7.73
CA GLN A 89 -9.67 -3.06 -8.40
C GLN A 89 -8.82 -3.18 -9.66
N ALA A 90 -8.83 -2.15 -10.49
CA ALA A 90 -8.07 -2.16 -11.72
C ALA A 90 -6.58 -2.21 -11.42
N ASN A 91 -6.15 -1.43 -10.42
CA ASN A 91 -4.73 -1.41 -10.08
C ASN A 91 -4.20 -2.75 -9.67
N ILE A 92 -4.87 -3.40 -8.71
CA ILE A 92 -4.48 -4.72 -8.27
C ILE A 92 -4.63 -5.76 -9.38
N TRP A 93 -5.72 -5.69 -10.13
CA TRP A 93 -5.90 -6.63 -11.24
C TRP A 93 -4.75 -6.57 -12.25
N ALA A 94 -4.38 -5.34 -12.63
CA ALA A 94 -3.33 -5.10 -13.62
C ALA A 94 -2.02 -5.68 -13.11
N LEU A 95 -1.69 -5.42 -11.83
CA LEU A 95 -0.45 -5.96 -11.28
C LEU A 95 -0.43 -7.50 -11.23
N LYS A 96 -1.56 -8.10 -10.85
CA LYS A 96 -1.75 -9.53 -10.85
C LYS A 96 -1.54 -10.11 -12.26
N GLU A 97 -2.19 -9.49 -13.25
CA GLU A 97 -2.15 -9.94 -14.63
C GLU A 97 -0.77 -9.82 -15.24
N GLU A 98 -0.02 -8.79 -14.85
CA GLU A 98 1.37 -8.67 -15.26
C GLU A 98 2.28 -9.75 -14.64
N GLY A 99 1.80 -10.47 -13.62
CA GLY A 99 2.52 -11.58 -13.00
C GLY A 99 3.20 -11.26 -11.68
N CYS A 100 2.79 -10.17 -11.01
CA CYS A 100 3.38 -9.85 -9.72
C CYS A 100 3.03 -10.88 -8.66
N THR A 101 4.05 -11.24 -7.90
CA THR A 101 3.97 -12.13 -6.75
C THR A 101 3.83 -11.32 -5.46
N HIS A 102 4.40 -10.12 -5.46
CA HIS A 102 4.39 -9.20 -4.33
C HIS A 102 3.92 -7.83 -4.81
N VAL A 103 3.27 -7.10 -3.92
CA VAL A 103 2.99 -5.67 -4.11
C VAL A 103 3.48 -4.95 -2.87
N ILE A 104 4.52 -4.11 -3.02
CA ILE A 104 5.02 -3.28 -1.95
C ILE A 104 4.66 -1.86 -2.27
N VAL A 105 3.95 -1.17 -1.38
CA VAL A 105 3.47 0.16 -1.71
C VAL A 105 4.09 1.22 -0.80
N THR A 106 4.05 2.49 -1.21
CA THR A 106 4.28 3.56 -0.25
C THR A 106 2.97 4.31 0.00
N THR A 107 2.87 4.93 1.18
CA THR A 107 1.67 5.69 1.55
C THR A 107 2.10 6.73 2.57
N ALA A 108 1.78 7.98 2.29
CA ALA A 108 1.98 9.03 3.28
C ALA A 108 0.86 8.82 4.32
N CYS A 109 1.12 9.30 5.53
CA CYS A 109 0.12 9.19 6.57
C CYS A 109 0.30 10.21 7.66
N GLY A 110 -0.76 10.41 8.45
CA GLY A 110 -0.64 11.23 9.66
C GLY A 110 -0.26 10.33 10.83
N SER A 111 0.50 10.86 11.78
CA SER A 111 0.83 10.15 13.00
C SER A 111 -0.19 10.42 14.07
N LEU A 112 -0.65 9.36 14.70
CA LEU A 112 -1.55 9.44 15.84
C LEU A 112 -0.85 9.11 17.15
N ARG A 113 0.48 9.04 17.13
CA ARG A 113 1.26 8.64 18.31
C ARG A 113 2.49 9.55 18.39
N GLU A 114 2.72 10.09 19.58
CA GLU A 114 3.89 10.93 19.84
C GLU A 114 5.20 10.35 19.31
N GLU A 115 5.40 9.06 19.55
CA GLU A 115 6.64 8.42 19.17
C GLU A 115 6.84 8.22 17.65
N ILE A 116 5.76 8.35 16.87
CA ILE A 116 5.83 8.27 15.42
C ILE A 116 6.00 9.69 14.92
N GLN A 117 7.23 10.03 14.61
CA GLN A 117 7.56 11.40 14.20
C GLN A 117 7.45 11.58 12.70
N PRO A 118 7.12 12.79 12.24
CA PRO A 118 7.14 13.04 10.80
C PRO A 118 8.50 12.66 10.20
N GLY A 119 8.46 11.90 9.10
CA GLY A 119 9.65 11.32 8.48
C GLY A 119 9.90 9.88 8.84
N ASP A 120 9.29 9.40 9.93
CA ASP A 120 9.41 8.02 10.31
C ASP A 120 8.67 7.14 9.32
N ILE A 121 9.17 5.93 9.17
CA ILE A 121 8.51 4.86 8.43
C ILE A 121 7.81 3.96 9.42
N VAL A 122 6.62 3.49 9.05
CA VAL A 122 5.89 2.52 9.84
C VAL A 122 5.57 1.35 8.91
N ILE A 123 5.98 0.15 9.28
CA ILE A 123 5.68 -1.06 8.51
C ILE A 123 4.43 -1.67 9.08
N ILE A 124 3.31 -1.07 8.67
CA ILE A 124 2.01 -1.34 9.26
C ILE A 124 1.59 -2.79 9.14
N ASP A 125 0.92 -3.26 10.19
CA ASP A 125 0.45 -4.66 10.24
C ASP A 125 -1.06 -4.83 10.41
N GLN A 126 -1.77 -3.73 10.60
CA GLN A 126 -3.21 -3.81 10.79
C GLN A 126 -3.86 -2.57 10.22
N PHE A 127 -5.17 -2.63 10.03
CA PHE A 127 -5.94 -1.46 9.65
C PHE A 127 -7.28 -1.40 10.37
N ILE A 128 -7.84 -0.20 10.40
CA ILE A 128 -9.23 0.01 10.77
C ILE A 128 -9.86 0.74 9.60
N ASP A 129 -10.96 0.21 9.06
CA ASP A 129 -11.61 0.79 7.89
C ASP A 129 -12.53 1.92 8.36
N ARG A 130 -12.37 3.10 7.77
CA ARG A 130 -13.34 4.17 7.90
C ARG A 130 -13.79 4.67 6.52
N THR A 131 -13.49 3.90 5.48
CA THR A 131 -13.98 4.22 4.12
C THR A 131 -15.44 3.82 3.96
N THR A 132 -16.10 4.45 3.00
CA THR A 132 -17.53 4.22 2.80
C THR A 132 -17.92 4.01 1.35
N MET A 133 -17.09 4.46 0.42
CA MET A 133 -17.47 4.56 -0.99
C MET A 133 -16.85 3.48 -1.88
N ARG A 134 -16.12 2.53 -1.30
CA ARG A 134 -15.23 1.75 -2.13
C ARG A 134 -15.58 0.27 -2.25
N PRO A 135 -15.66 -0.25 -3.49
CA PRO A 135 -15.69 -1.70 -3.68
C PRO A 135 -14.47 -2.37 -3.04
N GLN A 136 -14.69 -3.41 -2.25
CA GLN A 136 -13.59 -4.09 -1.57
C GLN A 136 -13.33 -5.48 -2.04
N SER A 137 -14.01 -5.90 -3.12
CA SER A 137 -13.87 -7.24 -3.64
C SER A 137 -13.94 -7.24 -5.16
N PHE A 138 -13.22 -8.18 -5.75
CA PHE A 138 -13.38 -8.49 -7.17
C PHE A 138 -14.69 -9.24 -7.43
N TYR A 139 -15.24 -9.86 -6.38
CA TYR A 139 -16.34 -10.83 -6.55
C TYR A 139 -17.63 -10.14 -6.21
N ASP A 140 -18.05 -9.28 -7.13
CA ASP A 140 -19.26 -8.47 -7.01
C ASP A 140 -20.47 -9.05 -7.76
N GLY A 141 -20.35 -10.28 -8.26
CA GLY A 141 -21.41 -10.88 -9.06
C GLY A 141 -21.57 -10.36 -10.48
N SER A 142 -20.74 -9.43 -10.92
CA SER A 142 -20.89 -8.76 -12.24
C SER A 142 -19.76 -9.04 -13.22
N HIS A 143 -18.76 -9.84 -12.83
CA HIS A 143 -17.60 -10.08 -13.68
C HIS A 143 -17.34 -11.57 -13.80
N SER A 144 -17.35 -12.08 -15.03
CA SER A 144 -17.04 -13.51 -15.34
C SER A 144 -15.67 -13.96 -14.86
N CYS A 145 -14.72 -13.02 -14.80
CA CYS A 145 -13.36 -13.30 -14.33
C CYS A 145 -13.25 -13.56 -12.81
N ALA A 146 -14.30 -13.24 -12.04
CA ALA A 146 -14.30 -13.42 -10.58
C ALA A 146 -15.70 -13.85 -10.15
N ARG A 147 -15.96 -15.14 -10.29
CA ARG A 147 -17.31 -15.67 -10.08
C ARG A 147 -17.41 -16.24 -8.68
N GLY A 148 -18.56 -16.03 -8.05
CA GLY A 148 -18.79 -16.60 -6.72
C GLY A 148 -18.87 -15.54 -5.64
N VAL A 149 -19.05 -16.00 -4.42
CA VAL A 149 -19.14 -15.12 -3.25
C VAL A 149 -17.89 -15.35 -2.43
N CYS A 150 -17.10 -14.30 -2.29
CA CYS A 150 -15.79 -14.38 -1.67
C CYS A 150 -15.75 -13.58 -0.38
N HIS A 151 -15.31 -14.24 0.68
CA HIS A 151 -15.16 -13.62 2.00
C HIS A 151 -13.72 -13.84 2.44
N ILE A 152 -12.84 -12.90 2.09
CA ILE A 152 -11.41 -13.06 2.33
C ILE A 152 -11.09 -12.81 3.82
N PRO A 153 -10.25 -13.66 4.45
CA PRO A 153 -9.87 -13.40 5.83
C PRO A 153 -8.91 -12.22 5.93
N MET A 154 -9.10 -11.39 6.96
CA MET A 154 -8.29 -10.20 7.14
C MET A 154 -7.62 -10.18 8.49
N ALA A 155 -7.53 -11.33 9.17
CA ALA A 155 -6.90 -11.34 10.48
C ALA A 155 -5.47 -10.76 10.44
N GLU A 156 -4.75 -11.10 9.39
CA GLU A 156 -3.35 -10.71 9.17
C GLU A 156 -3.35 -10.15 7.75
N PRO A 157 -3.69 -8.86 7.60
CA PRO A 157 -3.87 -8.39 6.23
C PRO A 157 -2.61 -8.22 5.41
N PHE A 158 -1.45 -8.02 6.06
CA PHE A 158 -0.19 -7.78 5.38
C PHE A 158 0.73 -9.00 5.45
N CYS A 159 1.53 -9.23 4.42
CA CYS A 159 2.46 -10.37 4.42
C CYS A 159 3.55 -10.21 5.50
N PRO A 160 3.58 -11.09 6.51
CA PRO A 160 4.59 -10.89 7.55
C PRO A 160 6.02 -11.13 7.08
N LYS A 161 6.21 -11.96 6.05
CA LYS A 161 7.57 -12.23 5.55
C LYS A 161 8.11 -11.03 4.78
N THR A 162 7.25 -10.43 3.96
CA THR A 162 7.62 -9.20 3.24
C THR A 162 7.87 -8.09 4.26
N ARG A 163 6.98 -7.98 5.25
CA ARG A 163 7.19 -6.98 6.29
C ARG A 163 8.52 -7.17 7.01
N GLU A 164 8.86 -8.43 7.32
CA GLU A 164 10.10 -8.75 8.01
C GLU A 164 11.33 -8.24 7.24
N VAL A 165 11.35 -8.45 5.93
CA VAL A 165 12.46 -8.00 5.09
C VAL A 165 12.52 -6.48 5.08
N LEU A 166 11.36 -5.81 5.04
CA LEU A 166 11.35 -4.35 5.08
C LEU A 166 11.94 -3.82 6.40
N ILE A 167 11.54 -4.43 7.49
CA ILE A 167 12.01 -4.01 8.82
C ILE A 167 13.51 -4.20 8.95
N GLU A 168 13.98 -5.38 8.55
CA GLU A 168 15.43 -5.73 8.60
C GLU A 168 16.24 -4.76 7.75
N THR A 169 15.71 -4.46 6.56
CA THR A 169 16.42 -3.60 5.63
C THR A 169 16.46 -2.15 6.15
N ALA A 170 15.35 -1.69 6.72
CA ALA A 170 15.33 -0.35 7.29
C ALA A 170 16.37 -0.21 8.44
N LYS A 171 16.58 -1.28 9.19
CA LYS A 171 17.58 -1.29 10.25
C LYS A 171 18.99 -1.20 9.64
N LYS A 172 19.23 -1.97 8.60
CA LYS A 172 20.50 -1.91 7.89
C LYS A 172 20.81 -0.54 7.32
N LEU A 173 19.77 0.22 6.95
CA LEU A 173 19.90 1.57 6.45
C LEU A 173 19.94 2.62 7.54
N GLY A 174 19.76 2.22 8.80
CA GLY A 174 19.78 3.16 9.91
C GLY A 174 18.56 4.09 9.96
N LEU A 175 17.45 3.69 9.36
CA LEU A 175 16.26 4.53 9.30
C LEU A 175 15.42 4.41 10.55
N ARG A 176 14.80 5.51 10.95
CA ARG A 176 13.75 5.47 11.97
C ARG A 176 12.53 4.74 11.39
N CYS A 177 12.24 3.58 11.95
CA CYS A 177 11.25 2.69 11.38
C CYS A 177 10.58 1.96 12.51
N HIS A 178 9.26 2.02 12.52
CA HIS A 178 8.42 1.29 13.48
C HIS A 178 8.01 -0.05 12.87
N SER A 179 8.17 -1.10 13.67
CA SER A 179 8.02 -2.47 13.23
CA SER A 179 8.01 -2.47 13.18
C SER A 179 6.57 -2.94 13.06
N LYS A 180 5.62 -2.18 13.59
CA LYS A 180 4.19 -2.49 13.40
C LYS A 180 3.38 -1.20 13.57
N GLY A 181 2.08 -1.29 13.33
CA GLY A 181 1.21 -0.17 13.48
C GLY A 181 -0.12 -0.40 12.81
N THR A 182 -1.14 0.25 13.36
CA THR A 182 -2.52 0.14 12.84
C THR A 182 -2.87 1.38 12.09
N MET A 183 -3.19 1.21 10.80
CA MET A 183 -3.56 2.31 9.93
C MET A 183 -5.08 2.42 9.91
N VAL A 184 -5.59 3.58 10.30
CA VAL A 184 -7.05 3.92 10.10
C VAL A 184 -7.11 4.58 8.71
N THR A 185 -7.92 4.02 7.82
CA THR A 185 -8.10 4.58 6.50
C THR A 185 -9.47 5.27 6.42
N ILE A 186 -9.43 6.60 6.25
CA ILE A 186 -10.61 7.44 6.15
C ILE A 186 -10.97 7.61 4.67
N GLU A 187 -12.21 7.99 4.39
CA GLU A 187 -12.65 8.10 3.02
C GLU A 187 -12.02 9.31 2.37
N GLY A 188 -11.95 10.41 3.11
CA GLY A 188 -11.56 11.69 2.55
C GLY A 188 -12.56 12.26 1.55
N PRO A 189 -12.09 13.16 0.70
CA PRO A 189 -10.72 13.69 0.71
C PRO A 189 -10.39 14.68 1.84
N ARG A 190 -11.38 15.15 2.59
CA ARG A 190 -11.10 16.00 3.74
C ARG A 190 -10.21 15.28 4.73
N PHE A 191 -9.48 16.09 5.47
CA PHE A 191 -8.80 15.59 6.65
C PHE A 191 -9.81 15.42 7.77
N SER A 192 -9.38 14.77 8.85
CA SER A 192 -10.26 14.47 9.98
C SER A 192 -10.49 15.70 10.82
N SER A 193 -11.63 15.73 11.50
CA SER A 193 -11.83 16.71 12.56
C SER A 193 -10.98 16.35 13.77
N ARG A 194 -10.85 17.31 14.69
CA ARG A 194 -10.16 16.99 15.93
C ARG A 194 -10.84 15.94 16.74
N ALA A 195 -12.18 15.97 16.81
CA ALA A 195 -12.90 14.94 17.55
C ALA A 195 -12.66 13.58 16.95
N GLU A 196 -12.63 13.49 15.62
CA GLU A 196 -12.29 12.23 14.97
C GLU A 196 -10.86 11.79 15.29
N SER A 197 -9.94 12.71 15.22
CA SER A 197 -8.52 12.36 15.50
C SER A 197 -8.35 11.76 16.88
N PHE A 198 -8.95 12.44 17.87
N PHE A 198 -8.95 12.38 17.90
CA PHE A 198 -8.99 11.98 19.27
CA PHE A 198 -8.81 11.83 19.26
C PHE A 198 -9.56 10.58 19.37
C PHE A 198 -9.58 10.51 19.40
N MET A 199 -10.70 10.40 18.71
CA MET A 199 -11.43 9.14 18.69
C MET A 199 -10.60 7.98 18.13
N PHE A 200 -9.95 8.21 17.00
CA PHE A 200 -9.15 7.16 16.38
C PHE A 200 -8.00 6.71 17.30
N ARG A 201 -7.44 7.67 18.06
CA ARG A 201 -6.47 7.32 19.10
C ARG A 201 -7.06 6.38 20.14
N THR A 202 -8.27 6.65 20.62
CA THR A 202 -8.89 5.68 21.57
C THR A 202 -9.13 4.30 20.96
N TRP A 203 -9.33 4.20 19.63
CA TRP A 203 -9.57 2.93 18.97
C TRP A 203 -8.27 2.13 18.77
N GLY A 204 -7.15 2.73 19.10
CA GLY A 204 -5.85 2.09 18.93
C GLY A 204 -5.23 2.28 17.56
N ALA A 205 -5.73 3.22 16.77
CA ALA A 205 -5.07 3.53 15.52
C ALA A 205 -3.76 4.28 15.84
N ASP A 206 -2.75 4.04 15.02
CA ASP A 206 -1.40 4.61 15.18
C ASP A 206 -1.06 5.58 14.09
N VAL A 207 -1.59 5.36 12.87
CA VAL A 207 -1.36 6.24 11.74
C VAL A 207 -2.66 6.32 10.93
N ILE A 208 -2.79 7.35 10.11
CA ILE A 208 -4.05 7.69 9.42
C ILE A 208 -3.77 8.04 7.97
N ASN A 209 -4.58 7.49 7.06
CA ASN A 209 -4.37 7.74 5.59
C ASN A 209 -5.72 7.57 4.90
N MET A 210 -5.73 7.58 3.57
CA MET A 210 -6.97 7.45 2.81
C MET A 210 -6.93 6.36 1.79
N THR A 211 -5.85 5.54 1.75
CA THR A 211 -5.66 4.61 0.65
C THR A 211 -5.40 3.14 0.99
N THR A 212 -5.10 2.76 2.24
CA THR A 212 -4.75 1.39 2.53
C THR A 212 -5.89 0.44 2.24
N VAL A 213 -7.09 0.82 2.68
CA VAL A 213 -8.30 0.09 2.35
C VAL A 213 -8.93 0.73 1.12
N PRO A 214 -9.26 -0.03 0.08
CA PRO A 214 -9.30 -1.50 0.01
C PRO A 214 -8.10 -2.13 -0.73
N GLU A 215 -7.05 -1.36 -0.99
CA GLU A 215 -5.85 -1.87 -1.70
C GLU A 215 -5.33 -3.21 -1.10
N VAL A 216 -5.19 -3.24 0.22
CA VAL A 216 -4.71 -4.41 0.94
C VAL A 216 -5.65 -5.60 0.82
N VAL A 217 -6.94 -5.29 0.81
CA VAL A 217 -7.99 -6.33 0.78
C VAL A 217 -7.96 -7.01 -0.59
N LEU A 218 -7.97 -6.22 -1.64
CA LEU A 218 -7.96 -6.76 -3.03
C LEU A 218 -6.64 -7.52 -3.34
N ALA A 219 -5.50 -7.03 -2.83
CA ALA A 219 -4.25 -7.79 -2.96
C ALA A 219 -4.39 -9.20 -2.35
N LYS A 220 -5.05 -9.30 -1.20
CA LYS A 220 -5.20 -10.58 -0.54
C LYS A 220 -6.09 -11.51 -1.38
N GLU A 221 -7.21 -11.00 -1.89
CA GLU A 221 -8.06 -11.80 -2.82
C GLU A 221 -7.28 -12.23 -4.05
N ALA A 222 -6.38 -11.39 -4.53
CA ALA A 222 -5.49 -11.77 -5.64
C ALA A 222 -4.38 -12.78 -5.32
N GLY A 223 -4.22 -13.19 -4.07
CA GLY A 223 -3.14 -14.10 -3.70
C GLY A 223 -1.75 -13.46 -3.79
N ILE A 224 -1.67 -12.15 -3.55
CA ILE A 224 -0.41 -11.41 -3.68
C ILE A 224 0.11 -11.10 -2.30
N CYS A 225 1.42 -11.24 -2.09
CA CYS A 225 2.07 -10.80 -0.84
C CYS A 225 2.08 -9.27 -0.84
N TYR A 226 1.38 -8.64 0.11
CA TYR A 226 1.24 -7.19 0.10
C TYR A 226 1.89 -6.62 1.35
N ALA A 227 2.67 -5.57 1.18
CA ALA A 227 3.18 -4.83 2.34
C ALA A 227 3.22 -3.33 2.06
N SER A 228 3.22 -2.52 3.11
CA SER A 228 3.11 -1.08 2.97
C SER A 228 4.18 -0.35 3.77
N ILE A 229 4.90 0.52 3.06
CA ILE A 229 5.86 1.45 3.64
C ILE A 229 5.07 2.72 3.90
N ALA A 230 4.61 2.90 5.12
CA ALA A 230 3.89 4.09 5.50
C ALA A 230 4.89 5.14 5.97
N MET A 231 4.76 6.37 5.49
CA MET A 231 5.65 7.45 5.92
C MET A 231 4.84 8.53 6.59
N ALA A 232 5.10 8.75 7.87
CA ALA A 232 4.41 9.80 8.62
C ALA A 232 4.84 11.18 8.09
N THR A 233 3.87 12.05 7.83
CA THR A 233 4.13 13.40 7.32
C THR A 233 3.71 14.55 8.18
N ASP A 234 3.00 14.24 9.27
CA ASP A 234 2.32 15.22 10.08
C ASP A 234 1.78 14.48 11.29
N TYR A 235 1.26 15.22 12.26
CA TYR A 235 0.60 14.65 13.44
C TYR A 235 -0.92 14.85 13.37
N ASP A 236 -1.49 14.84 12.17
CA ASP A 236 -2.92 15.07 11.99
C ASP A 236 -3.32 16.35 12.71
N CYS A 237 -4.27 16.31 13.65
CA CYS A 237 -4.66 17.54 14.36
C CYS A 237 -4.89 17.35 15.85
N TRP A 238 -4.32 16.29 16.43
CA TRP A 238 -4.55 15.94 17.83
C TRP A 238 -3.50 16.54 18.76
N LYS A 239 -2.31 16.86 18.24
CA LYS A 239 -1.10 17.11 19.04
C LYS A 239 -0.76 18.57 19.08
N GLU A 240 -0.70 19.12 20.28
CA GLU A 240 -0.44 20.55 20.44
C GLU A 240 0.98 20.94 20.04
N HIS A 241 1.12 22.18 19.57
CA HIS A 241 2.41 22.77 19.24
C HIS A 241 3.13 21.99 18.13
N GLU A 242 2.33 21.48 17.19
CA GLU A 242 2.84 20.89 15.95
C GLU A 242 2.19 21.64 14.80
N GLU A 243 2.86 21.66 13.65
CA GLU A 243 2.27 22.30 12.48
C GLU A 243 1.05 21.48 12.03
N ALA A 244 0.00 22.21 11.66
CA ALA A 244 -1.29 21.60 11.30
C ALA A 244 -1.16 20.80 10.01
N VAL A 245 -1.88 19.68 9.88
CA VAL A 245 -1.86 18.98 8.62
C VAL A 245 -2.51 19.88 7.55
N SER A 246 -1.93 19.86 6.38
CA SER A 246 -2.42 20.51 5.20
C SER A 246 -1.72 19.83 4.06
N VAL A 247 -2.21 20.03 2.84
CA VAL A 247 -1.54 19.53 1.64
C VAL A 247 -0.07 19.99 1.58
N ASP A 248 0.16 21.29 1.77
CA ASP A 248 1.53 21.81 1.73
C ASP A 248 2.44 21.17 2.78
N ARG A 249 1.95 20.99 4.01
CA ARG A 249 2.74 20.35 5.06
C ARG A 249 3.09 18.90 4.71
N VAL A 250 2.13 18.17 4.14
CA VAL A 250 2.38 16.79 3.75
C VAL A 250 3.44 16.73 2.68
N LEU A 251 3.28 17.55 1.64
CA LEU A 251 4.22 17.55 0.51
C LEU A 251 5.61 18.03 0.95
N LYS A 252 5.66 18.97 1.87
CA LYS A 252 6.96 19.40 2.43
C LYS A 252 7.70 18.25 3.13
N THR A 253 6.99 17.50 3.98
CA THR A 253 7.64 16.41 4.69
C THR A 253 8.14 15.35 3.72
N LEU A 254 7.35 15.07 2.69
CA LEU A 254 7.72 14.09 1.68
C LEU A 254 8.91 14.55 0.84
N LYS A 255 8.93 15.81 0.46
CA LYS A 255 10.10 16.33 -0.27
C LYS A 255 11.37 16.09 0.55
N GLU A 256 11.29 16.29 1.85
CA GLU A 256 12.44 16.09 2.73
C GLU A 256 12.82 14.63 2.98
N ASN A 257 11.86 13.71 2.93
CA ASN A 257 12.06 12.35 3.41
C ASN A 257 11.81 11.23 2.40
N ALA A 258 11.32 11.56 1.20
CA ALA A 258 11.02 10.55 0.17
C ALA A 258 12.20 9.65 -0.19
N ASN A 259 13.41 10.21 -0.24
CA ASN A 259 14.60 9.42 -0.47
C ASN A 259 14.69 8.17 0.42
N LYS A 260 14.13 8.22 1.63
CA LYS A 260 14.25 7.06 2.53
C LYS A 260 13.42 5.89 2.08
N ALA A 261 12.19 6.18 1.64
CA ALA A 261 11.34 5.15 1.03
C ALA A 261 11.95 4.58 -0.26
N LYS A 262 12.51 5.46 -1.08
CA LYS A 262 13.23 5.01 -2.28
C LYS A 262 14.40 4.06 -1.97
N SER A 263 15.27 4.46 -1.04
CA SER A 263 16.39 3.60 -0.64
C SER A 263 15.89 2.27 -0.07
N LEU A 264 14.77 2.34 0.67
CA LEU A 264 14.28 1.10 1.31
C LEU A 264 13.75 0.13 0.26
N LEU A 265 13.03 0.63 -0.73
CA LEU A 265 12.57 -0.24 -1.83
C LEU A 265 13.76 -0.81 -2.59
N LEU A 266 14.71 0.08 -2.92
CA LEU A 266 15.86 -0.36 -3.73
C LEU A 266 16.68 -1.45 -3.10
N THR A 267 16.78 -1.43 -1.77
CA THR A 267 17.61 -2.38 -1.03
C THR A 267 16.80 -3.62 -0.57
N THR A 268 15.51 -3.43 -0.31
CA THR A 268 14.64 -4.56 0.05
C THR A 268 14.39 -5.52 -1.10
N ILE A 269 14.12 -4.96 -2.28
CA ILE A 269 13.66 -5.77 -3.39
C ILE A 269 14.66 -6.86 -3.82
N PRO A 270 15.98 -6.53 -3.92
CA PRO A 270 16.94 -7.61 -4.18
C PRO A 270 16.93 -8.68 -3.09
N GLN A 271 16.72 -8.31 -1.83
CA GLN A 271 16.66 -9.30 -0.77
C GLN A 271 15.47 -10.24 -0.92
N ILE A 272 14.32 -9.70 -1.33
CA ILE A 272 13.14 -10.52 -1.64
C ILE A 272 13.47 -11.50 -2.76
N GLY A 273 14.09 -10.99 -3.82
CA GLY A 273 14.50 -11.79 -4.95
C GLY A 273 15.42 -12.94 -4.62
N SER A 274 16.21 -12.84 -3.55
CA SER A 274 17.19 -13.87 -3.20
C SER A 274 16.70 -14.96 -2.21
N THR A 275 15.44 -14.93 -1.79
CA THR A 275 14.91 -15.97 -0.93
C THR A 275 13.73 -16.65 -1.63
N GLU A 276 13.26 -17.75 -1.03
CA GLU A 276 12.30 -18.65 -1.64
C GLU A 276 10.89 -18.34 -1.14
N TRP A 277 9.98 -18.12 -2.09
CA TRP A 277 8.61 -17.67 -1.79
C TRP A 277 7.52 -18.68 -2.14
N SER A 278 7.87 -19.84 -2.71
CA SER A 278 6.84 -20.76 -3.21
C SER A 278 5.82 -21.22 -2.16
N GLU A 279 6.28 -21.55 -0.94
CA GLU A 279 5.36 -22.00 0.12
C GLU A 279 4.46 -20.84 0.58
N THR A 280 5.04 -19.65 0.72
CA THR A 280 4.28 -18.48 1.15
C THR A 280 3.19 -18.17 0.13
N LEU A 281 3.57 -18.17 -1.14
CA LEU A 281 2.63 -17.87 -2.22
C LEU A 281 1.56 -18.95 -2.35
N HIS A 282 1.94 -20.22 -2.16
CA HIS A 282 0.97 -21.33 -2.21
C HIS A 282 -0.10 -21.24 -1.10
N ASN A 283 0.35 -20.95 0.11
CA ASN A 283 -0.55 -20.72 1.23
C ASN A 283 -1.51 -19.55 0.99
N LEU A 284 -1.00 -18.44 0.45
CA LEU A 284 -1.88 -17.30 0.07
C LEU A 284 -2.89 -17.65 -1.03
N LYS A 285 -2.43 -18.39 -2.03
CA LYS A 285 -3.28 -18.83 -3.13
C LYS A 285 -4.40 -19.73 -2.57
N ASN A 286 -4.04 -20.64 -1.66
CA ASN A 286 -5.04 -21.51 -1.06
C ASN A 286 -6.06 -20.71 -0.27
N MET A 287 -5.61 -19.81 0.58
CA MET A 287 -6.52 -18.96 1.39
C MET A 287 -7.50 -18.23 0.49
N ALA A 288 -6.97 -17.60 -0.56
CA ALA A 288 -7.79 -16.89 -1.56
C ALA A 288 -8.78 -17.80 -2.25
N GLN A 289 -8.29 -18.92 -2.77
CA GLN A 289 -9.18 -19.85 -3.48
C GLN A 289 -10.30 -20.39 -2.58
N PHE A 290 -10.00 -20.74 -1.34
CA PHE A 290 -10.99 -21.34 -0.45
C PHE A 290 -11.93 -20.34 0.22
N SER A 291 -11.67 -19.05 -0.04
CA SER A 291 -12.56 -17.97 0.41
CA SER A 291 -12.54 -17.95 0.40
C SER A 291 -13.75 -17.79 -0.51
N VAL A 292 -13.76 -18.47 -1.67
CA VAL A 292 -14.81 -18.28 -2.66
C VAL A 292 -15.79 -19.45 -2.62
N LEU A 293 -17.07 -19.14 -2.44
CA LEU A 293 -18.13 -20.12 -2.55
C LEU A 293 -18.77 -20.01 -3.95
N LEU A 294 -18.76 -21.13 -4.67
CA LEU A 294 -19.48 -21.28 -5.95
C LEU A 294 -20.76 -22.09 -5.71
N PRO A 295 -21.76 -22.01 -6.63
CA PRO A 295 -23.02 -22.80 -6.46
C PRO A 295 -22.86 -24.33 -6.35
CL CL B . -21.96 4.46 -0.95
CL CL C . -17.58 3.92 11.99
P PO4 D . -1.12 8.23 -0.26
O1 PO4 D . -1.68 7.24 0.79
O2 PO4 D . -1.76 9.54 0.00
O3 PO4 D . 0.40 8.33 -0.10
O4 PO4 D . -1.53 7.69 -1.61
C1 EDO E . -17.16 0.54 7.79
O1 EDO E . -18.03 1.30 8.65
C2 EDO E . -16.01 1.35 7.19
O2 EDO E . -16.28 2.76 7.39
C1 EDO F . 13.86 3.51 15.21
O1 EDO F . 13.74 2.58 14.13
C2 EDO F . 12.52 4.11 15.62
O2 EDO F . 12.16 3.55 16.89
C1 EDO G . 2.95 2.32 17.59
O1 EDO G . 4.00 3.08 18.16
C2 EDO G . 3.53 1.07 16.93
O2 EDO G . 4.24 0.34 17.95
O3' OS2 H . -4.02 11.09 -0.38
C3' OS2 H . -3.96 12.16 0.58
C2' OS2 H . -3.85 11.54 1.96
N1' OS2 H . -2.41 11.23 1.98
C1' OS2 H . -1.73 12.45 1.48
C4' OS2 H . -2.72 13.01 0.44
C5' OS2 H . -3.00 14.50 0.70
S5' OS2 H . -1.55 15.53 0.60
C20 OS2 H . -1.09 15.41 -1.07
C21 OS2 H . -2.08 15.86 -2.04
C22 OS2 H . -2.99 16.27 -2.83
C10 OS2 H . -1.90 10.73 3.24
C9 OS2 H . -2.00 11.57 4.49
C4 OS2 H . -3.14 11.65 5.40
N3 OS2 H . -4.35 11.10 5.30
C8 OS2 H . -1.01 12.29 5.07
N7 OS2 H . -1.41 12.87 6.22
C5 OS2 H . -2.69 12.50 6.48
C6 OS2 H . -3.65 12.71 7.53
N6 OS2 H . -3.34 13.48 8.58
N1 OS2 H . -4.86 12.14 7.36
C2 OS2 H . -5.17 11.36 6.32
#